data_5XIS
#
_entry.id   5XIS
#
_cell.length_a   35.273
_cell.length_b   66.291
_cell.length_c   74.173
_cell.angle_alpha   76.47
_cell.angle_beta   79.29
_cell.angle_gamma   80.49
#
_symmetry.space_group_name_H-M   'P 1'
#
loop_
_entity.id
_entity.type
_entity.pdbx_description
1 polymer 'E3 ubiquitin-protein ligase RNF168'
2 polymer 'Ubiquitin-40S ribosomal protein S27a'
3 polymer 'Ubiquitin-40S ribosomal protein S27a'
4 non-polymer beta-D-xylofuranose
5 non-polymer 'MAGNESIUM ION'
6 water water
#
loop_
_entity_poly.entity_id
_entity_poly.type
_entity_poly.pdbx_seq_one_letter_code
_entity_poly.pdbx_strand_id
1 'polypeptide(L)'
;GPGHMLSKPGELRREYEEEISKVAAERRASEEEENKASEEYIQRLLAEEEEEEKRQAEKRRRAMEEQLKSDEELARKLSI
DINN
;
A,D
2 'polypeptide(L)' MQIFVKTLTGKTITLEVEPSDTIENVKAKIQDKEGIPPDQQRLIFAGKQLEDGRTLSDYNIQKESTLHLVLRLRGGD B,E
3 'polypeptide(L)' MQIFVKTLTGKTITLEVEPSDTIENVKAKIQDKEGIPPDQQRLIFAGKQLEDGRTLSDYNIQRESTLHLVLRLRGG C,F
#
# COMPACT_ATOMS: atom_id res chain seq x y z
N LEU A 6 29.19 1.36 -21.32
CA LEU A 6 29.68 2.75 -21.28
C LEU A 6 28.68 3.54 -20.47
N SER A 7 27.99 2.80 -19.64
CA SER A 7 26.76 3.28 -19.02
C SER A 7 27.05 4.38 -18.03
N LYS A 8 26.41 5.50 -18.25
CA LYS A 8 26.59 6.68 -17.43
C LYS A 8 25.79 6.49 -16.15
N PRO A 9 26.03 7.34 -15.12
CA PRO A 9 25.23 7.22 -13.90
C PRO A 9 23.75 7.11 -14.19
N GLY A 10 23.18 5.93 -13.95
CA GLY A 10 21.76 5.72 -14.12
C GLY A 10 21.27 5.42 -15.53
N GLU A 11 22.15 5.31 -16.52
CA GLU A 11 21.68 5.04 -17.89
C GLU A 11 20.97 3.69 -17.97
N LEU A 12 21.61 2.62 -17.51
CA LEU A 12 20.89 1.36 -17.38
C LEU A 12 19.70 1.48 -16.44
N ARG A 13 19.89 2.20 -15.33
CA ARG A 13 18.80 2.51 -14.41
C ARG A 13 17.60 3.15 -15.12
N ARG A 14 17.87 4.10 -16.00
CA ARG A 14 16.75 4.82 -16.61
C ARG A 14 16.08 3.99 -17.70
N GLU A 15 16.83 3.14 -18.41
CA GLU A 15 16.18 2.19 -19.31
C GLU A 15 15.30 1.22 -18.54
N TYR A 16 15.77 0.75 -17.39
CA TYR A 16 14.97 -0.17 -16.59
C TYR A 16 13.65 0.48 -16.17
N GLU A 17 13.73 1.71 -15.66
CA GLU A 17 12.53 2.43 -15.25
C GLU A 17 11.59 2.69 -16.42
N GLU A 18 12.15 3.03 -17.59
CA GLU A 18 11.27 3.24 -18.74
C GLU A 18 10.61 1.93 -19.16
N GLU A 19 11.33 0.82 -19.03
CA GLU A 19 10.77 -0.44 -19.47
C GLU A 19 9.73 -0.96 -18.48
N ILE A 20 9.94 -0.71 -17.19
CA ILE A 20 8.92 -1.02 -16.18
C ILE A 20 7.66 -0.21 -16.44
N SER A 21 7.83 1.07 -16.77
CA SER A 21 6.70 1.94 -17.09
C SER A 21 5.85 1.38 -18.22
N LYS A 22 6.49 0.87 -19.28
CA LYS A 22 5.72 0.30 -20.38
C LYS A 22 4.97 -0.97 -19.97
N VAL A 23 5.55 -1.77 -19.09
CA VAL A 23 4.83 -2.94 -18.62
C VAL A 23 3.62 -2.53 -17.80
N ALA A 24 3.77 -1.49 -16.98
CA ALA A 24 2.65 -0.99 -16.19
C ALA A 24 1.56 -0.43 -17.09
N ALA A 25 1.96 0.31 -18.14
CA ALA A 25 0.97 0.89 -19.05
C ALA A 25 0.17 -0.19 -19.78
N GLU A 26 0.81 -1.31 -20.13
CA GLU A 26 0.09 -2.43 -20.74
C GLU A 26 -0.89 -3.06 -19.76
N ARG A 27 -0.51 -3.17 -18.49
CA ARG A 27 -1.46 -3.71 -17.52
C ARG A 27 -2.67 -2.81 -17.38
N ARG A 28 -2.46 -1.50 -17.33
CA ARG A 28 -3.57 -0.57 -17.22
C ARG A 28 -4.45 -0.62 -18.47
N ALA A 29 -3.84 -0.72 -19.65
CA ALA A 29 -4.62 -0.88 -20.87
C ALA A 29 -5.43 -2.18 -20.83
N SER A 30 -4.83 -3.27 -20.34
CA SER A 30 -5.54 -4.53 -20.28
C SER A 30 -6.68 -4.45 -19.27
N GLU A 31 -6.44 -3.75 -18.17
CA GLU A 31 -7.46 -3.63 -17.13
C GLU A 31 -8.62 -2.77 -17.60
N GLU A 32 -8.33 -1.77 -18.42
CA GLU A 32 -9.37 -0.89 -18.93
C GLU A 32 -10.39 -1.67 -19.76
N GLU A 33 -9.93 -2.58 -20.62
CA GLU A 33 -10.85 -3.42 -21.37
C GLU A 33 -11.67 -4.30 -20.42
N GLU A 34 -11.05 -4.83 -19.38
CA GLU A 34 -11.77 -5.63 -18.40
C GLU A 34 -12.84 -4.80 -17.68
N ASN A 35 -12.47 -3.58 -17.28
CA ASN A 35 -13.38 -2.78 -16.45
C ASN A 35 -14.49 -2.17 -17.28
N LYS A 36 -14.27 -1.96 -18.57
CA LYS A 36 -15.35 -1.45 -19.41
C LYS A 36 -16.36 -2.54 -19.73
N ALA A 37 -15.90 -3.79 -19.85
CA ALA A 37 -16.85 -4.89 -19.99
C ALA A 37 -17.72 -5.03 -18.74
N SER A 38 -17.11 -4.90 -17.56
CA SER A 38 -17.90 -5.00 -16.33
C SER A 38 -18.90 -3.85 -16.21
N GLU A 39 -18.47 -2.63 -16.54
CA GLU A 39 -19.32 -1.46 -16.38
C GLU A 39 -20.48 -1.46 -17.37
N GLU A 40 -20.26 -1.98 -18.58
CA GLU A 40 -21.35 -2.10 -19.53
C GLU A 40 -22.26 -3.27 -19.17
N TYR A 41 -21.69 -4.31 -18.57
CA TYR A 41 -22.50 -5.42 -18.08
C TYR A 41 -23.45 -4.96 -16.98
N ILE A 42 -22.94 -4.15 -16.06
CA ILE A 42 -23.75 -3.67 -14.94
C ILE A 42 -24.85 -2.73 -15.44
N GLN A 43 -24.51 -1.84 -16.36
CA GLN A 43 -25.50 -0.97 -16.96
C GLN A 43 -26.67 -1.77 -17.53
N ARG A 44 -26.37 -2.81 -18.29
CA ARG A 44 -27.44 -3.64 -18.86
C ARG A 44 -28.23 -4.34 -17.76
N LEU A 45 -27.52 -4.94 -16.80
CA LEU A 45 -28.20 -5.70 -15.75
C LEU A 45 -29.17 -4.83 -14.97
N LEU A 46 -28.76 -3.61 -14.62
CA LEU A 46 -29.63 -2.74 -13.84
C LEU A 46 -30.78 -2.21 -14.68
N ALA A 47 -30.53 -1.95 -15.97
CA ALA A 47 -31.62 -1.54 -16.84
C ALA A 47 -32.66 -2.64 -16.99
N GLU A 48 -32.21 -3.88 -17.12
CA GLU A 48 -33.14 -5.00 -17.24
C GLU A 48 -33.91 -5.24 -15.95
N GLU A 49 -33.29 -4.96 -14.80
CA GLU A 49 -34.03 -5.12 -13.55
C GLU A 49 -34.97 -3.94 -13.31
N GLU A 50 -34.64 -2.76 -13.84
CA GLU A 50 -35.56 -1.63 -13.74
C GLU A 50 -36.79 -1.84 -14.62
N GLU A 51 -36.59 -2.38 -15.83
CA GLU A 51 -37.71 -2.66 -16.72
C GLU A 51 -38.63 -3.72 -16.14
N GLU A 52 -38.05 -4.78 -15.55
CA GLU A 52 -38.86 -5.82 -14.94
C GLU A 52 -39.74 -5.28 -13.83
N GLU A 53 -39.18 -4.45 -12.93
CA GLU A 53 -40.00 -3.94 -11.85
C GLU A 53 -41.10 -3.02 -12.37
N LYS A 54 -40.82 -2.23 -13.41
CA LYS A 54 -41.89 -1.44 -14.01
C LYS A 54 -42.99 -2.32 -14.59
N ARG A 55 -42.62 -3.44 -15.22
CA ARG A 55 -43.63 -4.34 -15.74
C ARG A 55 -44.46 -4.94 -14.62
N GLN A 56 -43.83 -5.32 -13.51
CA GLN A 56 -44.58 -5.85 -12.38
C GLN A 56 -45.50 -4.80 -11.79
N ALA A 57 -45.00 -3.57 -11.60
CA ALA A 57 -45.84 -2.52 -11.05
C ALA A 57 -46.98 -2.16 -11.99
N GLU A 58 -46.74 -2.23 -13.29
CA GLU A 58 -47.83 -1.99 -14.24
C GLU A 58 -48.87 -3.10 -14.18
N LYS A 59 -48.43 -4.35 -14.04
CA LYS A 59 -49.38 -5.44 -13.86
C LYS A 59 -50.23 -5.23 -12.61
N ARG A 60 -49.60 -4.83 -11.50
CA ARG A 60 -50.36 -4.55 -10.28
C ARG A 60 -51.36 -3.42 -10.50
N ARG A 61 -50.96 -2.37 -11.22
CA ARG A 61 -51.87 -1.25 -11.42
C ARG A 61 -53.11 -1.67 -12.20
N ARG A 62 -52.95 -2.47 -13.25
CA ARG A 62 -54.12 -2.83 -14.05
C ARG A 62 -55.02 -3.78 -13.29
N ALA A 63 -54.46 -4.61 -12.41
CA ALA A 63 -55.28 -5.52 -11.62
C ALA A 63 -56.15 -4.75 -10.64
N MET A 64 -55.58 -3.70 -10.03
CA MET A 64 -56.34 -2.87 -9.09
C MET A 64 -57.42 -2.08 -9.81
N GLU A 65 -57.11 -1.59 -11.01
CA GLU A 65 -58.07 -0.82 -11.78
C GLU A 65 -59.25 -1.68 -12.21
N GLU A 66 -58.98 -2.94 -12.59
CA GLU A 66 -60.05 -3.85 -12.99
C GLU A 66 -60.86 -4.31 -11.78
N GLN A 67 -60.21 -4.51 -10.63
CA GLN A 67 -60.96 -4.78 -9.40
C GLN A 67 -61.94 -3.64 -9.11
N LEU A 68 -61.49 -2.39 -9.28
CA LEU A 68 -62.36 -1.24 -9.07
C LEU A 68 -63.61 -1.29 -9.94
N LYS A 69 -63.42 -1.51 -11.25
CA LYS A 69 -64.56 -1.60 -12.15
C LYS A 69 -65.50 -2.73 -11.71
N SER A 70 -64.93 -3.90 -11.39
CA SER A 70 -65.74 -5.03 -10.96
C SER A 70 -66.51 -4.71 -9.69
N ASP A 71 -65.85 -4.03 -8.74
CA ASP A 71 -66.52 -3.65 -7.50
C ASP A 71 -67.72 -2.75 -7.78
N GLU A 72 -67.54 -1.78 -8.69
CA GLU A 72 -68.66 -0.91 -9.06
C GLU A 72 -69.80 -1.70 -9.70
N GLU A 73 -69.47 -2.64 -10.58
CA GLU A 73 -70.50 -3.49 -11.18
C GLU A 73 -71.31 -4.20 -10.10
N LEU A 74 -70.64 -4.82 -9.14
CA LEU A 74 -71.35 -5.45 -8.04
C LEU A 74 -72.13 -4.42 -7.22
N ALA A 75 -71.54 -3.25 -6.99
CA ALA A 75 -72.20 -2.24 -6.18
C ALA A 75 -73.51 -1.76 -6.81
N ARG A 76 -73.53 -1.63 -8.15
CA ARG A 76 -74.77 -1.18 -8.77
C ARG A 76 -75.86 -2.23 -8.69
N LYS A 77 -75.52 -3.49 -9.01
CA LYS A 77 -76.46 -4.58 -8.82
C LYS A 77 -76.97 -4.62 -7.39
N LEU A 78 -76.11 -4.25 -6.43
CA LEU A 78 -76.52 -4.21 -5.02
C LEU A 78 -77.48 -3.07 -4.75
N SER A 79 -77.10 -1.84 -5.14
CA SER A 79 -77.89 -0.67 -4.78
C SER A 79 -79.28 -0.72 -5.38
N ILE A 80 -79.41 -1.26 -6.59
CA ILE A 80 -80.73 -1.44 -7.18
C ILE A 80 -81.52 -2.48 -6.41
N ASP A 81 -80.84 -3.46 -5.81
CA ASP A 81 -81.57 -4.47 -5.04
C ASP A 81 -82.00 -3.98 -3.67
N ILE A 82 -81.21 -3.09 -3.03
CA ILE A 82 -81.54 -2.67 -1.66
C ILE A 82 -82.42 -1.43 -1.58
N ASN A 83 -82.57 -0.68 -2.68
CA ASN A 83 -83.42 0.51 -2.63
C ASN A 83 -84.71 0.37 -3.42
N ASN A 84 -84.89 -0.73 -4.16
CA ASN A 84 -86.16 -1.04 -4.81
C ASN A 84 -86.11 -2.46 -5.39
N MET B 1 -1.56 -11.06 -2.41
CA MET B 1 -2.15 -10.57 -3.64
C MET B 1 -3.32 -9.64 -3.32
N GLN B 2 -3.22 -8.41 -3.80
CA GLN B 2 -4.19 -7.36 -3.56
C GLN B 2 -5.08 -7.15 -4.78
N ILE B 3 -6.40 -7.12 -4.57
CA ILE B 3 -7.36 -6.82 -5.62
C ILE B 3 -8.28 -5.71 -5.10
N PHE B 4 -9.04 -5.13 -6.02
CA PHE B 4 -9.94 -4.04 -5.70
C PHE B 4 -11.39 -4.48 -5.96
N VAL B 5 -12.29 -3.97 -5.13
CA VAL B 5 -13.71 -4.19 -5.30
C VAL B 5 -14.38 -2.81 -5.35
N LYS B 6 -15.10 -2.56 -6.42
CA LYS B 6 -15.75 -1.27 -6.64
C LYS B 6 -17.25 -1.42 -6.39
N THR B 7 -17.82 -0.50 -5.61
CA THR B 7 -19.25 -0.49 -5.34
C THR B 7 -19.96 0.49 -6.27
N LEU B 8 -21.29 0.39 -6.31
CA LEU B 8 -22.07 1.29 -7.15
C LEU B 8 -21.97 2.74 -6.68
N THR B 9 -21.72 2.96 -5.39
CA THR B 9 -21.48 4.32 -4.92
C THR B 9 -20.13 4.86 -5.38
N GLY B 10 -19.29 4.03 -5.98
CA GLY B 10 -18.03 4.48 -6.54
C GLY B 10 -16.82 4.27 -5.65
N LYS B 11 -17.02 3.97 -4.37
CA LYS B 11 -15.86 3.71 -3.53
C LYS B 11 -15.19 2.41 -3.93
N THR B 12 -13.92 2.31 -3.60
CA THR B 12 -13.12 1.12 -3.86
C THR B 12 -12.58 0.61 -2.53
N ILE B 13 -12.75 -0.68 -2.29
CA ILE B 13 -12.12 -1.31 -1.14
C ILE B 13 -11.05 -2.26 -1.66
N THR B 14 -10.04 -2.49 -0.84
CA THR B 14 -8.92 -3.34 -1.18
C THR B 14 -9.00 -4.64 -0.38
N LEU B 15 -8.74 -5.76 -1.05
CA LEU B 15 -8.77 -7.06 -0.39
C LEU B 15 -7.44 -7.75 -0.58
N GLU B 16 -7.05 -8.53 0.44
CA GLU B 16 -5.87 -9.37 0.39
C GLU B 16 -6.35 -10.81 0.17
N VAL B 17 -5.97 -11.39 -0.97
CA VAL B 17 -6.48 -12.69 -1.39
C VAL B 17 -5.31 -13.52 -1.94
N GLU B 18 -5.62 -14.76 -2.26
CA GLU B 18 -4.70 -15.66 -2.92
C GLU B 18 -5.39 -16.21 -4.16
N PRO B 19 -4.62 -16.61 -5.18
CA PRO B 19 -5.24 -17.17 -6.39
C PRO B 19 -6.18 -18.32 -6.11
N SER B 20 -5.95 -19.07 -5.02
CA SER B 20 -6.74 -20.23 -4.67
C SER B 20 -8.07 -19.90 -4.02
N ASP B 21 -8.28 -18.65 -3.59
CA ASP B 21 -9.52 -18.29 -2.91
C ASP B 21 -10.70 -18.45 -3.85
N THR B 22 -11.81 -18.96 -3.32
CA THR B 22 -13.03 -19.04 -4.10
C THR B 22 -13.75 -17.71 -4.08
N ILE B 23 -14.68 -17.54 -5.03
CA ILE B 23 -15.52 -16.34 -5.01
C ILE B 23 -16.27 -16.27 -3.69
N GLU B 24 -16.59 -17.42 -3.09
CA GLU B 24 -17.28 -17.42 -1.82
C GLU B 24 -16.39 -16.90 -0.70
N ASN B 25 -15.10 -17.24 -0.73
CA ASN B 25 -14.16 -16.61 0.20
C ASN B 25 -14.17 -15.10 0.04
N VAL B 26 -14.14 -14.62 -1.21
CA VAL B 26 -14.07 -13.18 -1.46
C VAL B 26 -15.32 -12.48 -0.90
N LYS B 27 -16.50 -13.07 -1.11
CA LYS B 27 -17.70 -12.48 -0.54
C LYS B 27 -17.63 -12.45 0.98
N ALA B 28 -16.97 -13.43 1.60
CA ALA B 28 -16.79 -13.39 3.05
C ALA B 28 -15.89 -12.24 3.45
N LYS B 29 -14.82 -12.00 2.67
CA LYS B 29 -13.92 -10.89 2.97
C LYS B 29 -14.62 -9.55 2.76
N ILE B 30 -15.50 -9.47 1.77
CA ILE B 30 -16.27 -8.24 1.59
C ILE B 30 -17.22 -8.06 2.76
N GLN B 31 -17.80 -9.16 3.25
CA GLN B 31 -18.65 -9.07 4.43
C GLN B 31 -17.90 -8.45 5.59
N ASP B 32 -16.67 -8.93 5.82
CA ASP B 32 -15.87 -8.43 6.93
C ASP B 32 -15.62 -6.94 6.84
N LYS B 33 -15.47 -6.37 5.62
CA LYS B 33 -15.23 -4.93 5.62
C LYS B 33 -16.52 -4.12 5.56
N GLU B 34 -17.50 -4.55 4.75
CA GLU B 34 -18.67 -3.73 4.49
C GLU B 34 -19.89 -4.11 5.30
N GLY B 35 -19.95 -5.31 5.85
CA GLY B 35 -21.13 -5.76 6.56
C GLY B 35 -22.22 -6.30 5.67
N ILE B 36 -21.98 -6.40 4.36
CA ILE B 36 -22.96 -6.89 3.40
C ILE B 36 -22.94 -8.41 3.45
N PRO B 37 -24.05 -9.07 3.79
CA PRO B 37 -24.07 -10.53 3.79
C PRO B 37 -23.73 -11.07 2.42
N PRO B 38 -22.97 -12.17 2.35
CA PRO B 38 -22.58 -12.69 1.02
C PRO B 38 -23.75 -13.03 0.11
N ASP B 39 -24.88 -13.48 0.65
CA ASP B 39 -25.97 -13.89 -0.22
C ASP B 39 -26.68 -12.71 -0.90
N GLN B 40 -26.35 -11.48 -0.53
CA GLN B 40 -26.81 -10.30 -1.24
C GLN B 40 -25.76 -9.75 -2.23
N GLN B 41 -24.62 -10.43 -2.38
CA GLN B 41 -23.53 -9.91 -3.19
C GLN B 41 -23.50 -10.60 -4.54
N ARG B 42 -23.43 -9.81 -5.60
CA ARG B 42 -23.07 -10.31 -6.93
C ARG B 42 -21.73 -9.67 -7.30
N LEU B 43 -20.78 -10.49 -7.74
CA LEU B 43 -19.46 -10.02 -8.13
C LEU B 43 -19.25 -10.19 -9.62
N ILE B 44 -18.69 -9.15 -10.24
CA ILE B 44 -18.51 -9.06 -11.69
C ILE B 44 -17.04 -8.75 -11.96
N PHE B 45 -16.43 -9.51 -12.87
CA PHE B 45 -15.08 -9.24 -13.35
C PHE B 45 -15.06 -9.44 -14.86
N ALA B 46 -14.47 -8.49 -15.57
CA ALA B 46 -14.32 -8.56 -17.02
C ALA B 46 -15.67 -8.81 -17.71
N GLY B 47 -16.71 -8.17 -17.18
CA GLY B 47 -18.02 -8.23 -17.80
C GLY B 47 -18.82 -9.49 -17.57
N LYS B 48 -18.47 -10.28 -16.56
CA LYS B 48 -19.20 -11.50 -16.28
C LYS B 48 -19.32 -11.72 -14.78
N GLN B 49 -20.44 -12.31 -14.39
CA GLN B 49 -20.77 -12.50 -12.99
C GLN B 49 -20.13 -13.80 -12.49
N LEU B 50 -19.44 -13.72 -11.36
CA LEU B 50 -18.56 -14.78 -10.89
C LEU B 50 -19.32 -15.77 -10.02
N GLU B 51 -18.96 -17.05 -10.11
CA GLU B 51 -19.69 -18.13 -9.46
C GLU B 51 -18.99 -18.55 -8.17
N ASP B 52 -19.80 -18.87 -7.14
CA ASP B 52 -19.29 -19.02 -5.79
C ASP B 52 -18.24 -20.11 -5.68
N GLY B 53 -18.42 -21.23 -6.37
CA GLY B 53 -17.53 -22.37 -6.19
C GLY B 53 -16.20 -22.26 -6.90
N ARG B 54 -16.10 -21.40 -7.90
CA ARG B 54 -14.89 -21.26 -8.69
C ARG B 54 -13.87 -20.39 -7.95
N THR B 55 -12.62 -20.44 -8.42
CA THR B 55 -11.53 -19.74 -7.75
C THR B 55 -11.11 -18.53 -8.57
N LEU B 56 -10.36 -17.63 -7.91
CA LEU B 56 -9.90 -16.42 -8.60
C LEU B 56 -9.04 -16.77 -9.80
N SER B 57 -8.15 -17.75 -9.66
CA SER B 57 -7.32 -18.14 -10.79
C SER B 57 -8.16 -18.76 -11.90
N ASP B 58 -9.31 -19.36 -11.58
CA ASP B 58 -10.22 -19.83 -12.63
C ASP B 58 -10.64 -18.69 -13.54
N TYR B 59 -10.76 -17.46 -13.02
CA TYR B 59 -11.21 -16.32 -13.80
C TYR B 59 -10.06 -15.43 -14.25
N ASN B 60 -8.81 -15.88 -14.09
CA ASN B 60 -7.64 -15.07 -14.45
C ASN B 60 -7.56 -13.80 -13.62
N ILE B 61 -8.28 -13.74 -12.50
CA ILE B 61 -8.14 -12.59 -11.64
C ILE B 61 -6.76 -12.62 -11.01
N GLN B 62 -6.04 -11.50 -11.13
CA GLN B 62 -4.69 -11.41 -10.60
C GLN B 62 -4.58 -10.12 -9.80
N LYS B 63 -3.37 -9.83 -9.34
CA LYS B 63 -3.24 -8.70 -8.44
C LYS B 63 -3.53 -7.41 -9.21
N GLU B 64 -4.18 -6.48 -8.50
CA GLU B 64 -4.72 -5.19 -8.95
C GLU B 64 -5.80 -5.33 -10.03
N SER B 65 -6.35 -6.53 -10.24
CA SER B 65 -7.64 -6.67 -10.91
C SER B 65 -8.73 -5.94 -10.13
N THR B 66 -9.80 -5.56 -10.81
CA THR B 66 -10.92 -4.89 -10.14
C THR B 66 -12.18 -5.72 -10.31
N LEU B 67 -12.80 -6.09 -9.19
CA LEU B 67 -14.10 -6.75 -9.21
C LEU B 67 -15.15 -5.68 -8.91
N HIS B 68 -16.34 -5.86 -9.46
CA HIS B 68 -17.42 -4.91 -9.27
C HIS B 68 -18.53 -5.56 -8.45
N LEU B 69 -18.95 -4.87 -7.39
CA LEU B 69 -19.97 -5.37 -6.49
C LEU B 69 -21.32 -4.76 -6.85
N VAL B 70 -22.30 -5.59 -7.14
CA VAL B 70 -23.66 -5.13 -7.35
C VAL B 70 -24.58 -5.92 -6.44
N LEU B 71 -25.39 -5.23 -5.65
CA LEU B 71 -26.23 -5.94 -4.69
C LEU B 71 -27.48 -6.47 -5.38
N ARG B 72 -27.94 -7.64 -4.93
CA ARG B 72 -29.14 -8.29 -5.47
C ARG B 72 -30.31 -7.32 -5.62
N MET C 1 39.82 -6.86 -9.62
CA MET C 1 39.57 -7.34 -10.97
C MET C 1 38.34 -6.65 -11.54
N GLN C 2 38.44 -6.18 -12.78
CA GLN C 2 37.31 -5.58 -13.48
C GLN C 2 36.69 -6.60 -14.43
N ILE C 3 35.37 -6.68 -14.40
CA ILE C 3 34.60 -7.43 -15.38
C ILE C 3 33.57 -6.48 -16.00
N PHE C 4 33.01 -6.90 -17.11
CA PHE C 4 32.02 -6.08 -17.80
C PHE C 4 30.69 -6.81 -17.84
N VAL C 5 29.60 -6.04 -17.75
CA VAL C 5 28.25 -6.59 -17.82
C VAL C 5 27.50 -5.85 -18.91
N LYS C 6 26.81 -6.59 -19.78
CA LYS C 6 26.18 -6.07 -20.99
C LYS C 6 24.74 -6.57 -21.14
N THR C 7 23.83 -5.68 -21.55
CA THR C 7 22.42 -5.99 -21.75
C THR C 7 22.12 -6.23 -23.23
N LEU C 8 20.89 -6.68 -23.51
CA LEU C 8 20.48 -6.93 -24.88
C LEU C 8 20.25 -5.66 -25.69
N THR C 9 20.32 -4.48 -25.05
CA THR C 9 20.18 -3.23 -25.78
C THR C 9 21.53 -2.57 -26.06
N GLY C 10 22.64 -3.25 -25.75
CA GLY C 10 23.96 -2.77 -26.13
C GLY C 10 24.73 -2.02 -25.06
N LYS C 11 24.20 -1.94 -23.84
CA LYS C 11 24.81 -1.15 -22.78
C LYS C 11 25.80 -1.99 -21.97
N THR C 12 26.90 -1.37 -21.55
CA THR C 12 27.94 -2.07 -20.80
C THR C 12 28.32 -1.29 -19.55
N ILE C 13 28.41 -1.99 -18.41
CA ILE C 13 28.89 -1.40 -17.16
C ILE C 13 30.13 -2.17 -16.70
N THR C 14 30.93 -1.50 -15.86
CA THR C 14 32.12 -2.07 -15.27
C THR C 14 31.90 -2.29 -13.78
N LEU C 15 32.36 -3.45 -13.29
CA LEU C 15 32.23 -3.84 -11.89
C LEU C 15 33.59 -4.25 -11.35
N GLU C 16 33.84 -3.92 -10.09
CA GLU C 16 35.07 -4.30 -9.42
C GLU C 16 34.79 -5.52 -8.53
N VAL C 17 35.42 -6.65 -8.85
CA VAL C 17 35.06 -7.93 -8.27
C VAL C 17 36.33 -8.71 -7.91
N GLU C 18 36.13 -9.75 -7.12
CA GLU C 18 37.10 -10.76 -6.78
C GLU C 18 36.61 -12.12 -7.25
N PRO C 19 37.50 -12.98 -7.75
CA PRO C 19 37.07 -14.32 -8.21
C PRO C 19 36.27 -15.11 -7.19
N SER C 20 36.48 -14.86 -5.89
CA SER C 20 35.72 -15.55 -4.86
C SER C 20 34.35 -14.94 -4.62
N ASP C 21 34.03 -13.82 -5.25
CA ASP C 21 32.68 -13.26 -5.15
C ASP C 21 31.67 -14.21 -5.75
N THR C 22 30.56 -14.40 -5.05
CA THR C 22 29.48 -15.21 -5.58
C THR C 22 28.66 -14.40 -6.58
N ILE C 23 27.84 -15.11 -7.35
CA ILE C 23 26.95 -14.43 -8.29
C ILE C 23 25.92 -13.58 -7.55
N GLU C 24 25.43 -14.05 -6.40
CA GLU C 24 24.55 -13.22 -5.57
C GLU C 24 25.23 -11.91 -5.21
N ASN C 25 26.51 -11.97 -4.86
CA ASN C 25 27.32 -10.79 -4.57
C ASN C 25 27.37 -9.85 -5.77
N VAL C 26 27.64 -10.40 -6.94
CA VAL C 26 27.70 -9.61 -8.17
C VAL C 26 26.37 -8.91 -8.42
N LYS C 27 25.25 -9.65 -8.30
CA LYS C 27 23.95 -9.06 -8.53
C LYS C 27 23.63 -7.96 -7.53
N ALA C 28 24.16 -8.07 -6.31
CA ALA C 28 23.98 -7.01 -5.32
C ALA C 28 24.78 -5.76 -5.71
N LYS C 29 25.97 -5.97 -6.28
CA LYS C 29 26.77 -4.85 -6.75
C LYS C 29 26.07 -4.13 -7.89
N ILE C 30 25.41 -4.87 -8.78
CA ILE C 30 24.66 -4.27 -9.87
C ILE C 30 23.46 -3.50 -9.33
N GLN C 31 22.83 -4.00 -8.26
CA GLN C 31 21.71 -3.28 -7.65
C GLN C 31 22.18 -1.95 -7.10
N ASP C 32 23.26 -1.96 -6.30
CA ASP C 32 23.79 -0.73 -5.72
C ASP C 32 24.15 0.29 -6.79
N LYS C 33 24.52 -0.17 -7.99
CA LYS C 33 24.97 0.73 -9.05
C LYS C 33 23.82 1.19 -9.95
N GLU C 34 22.96 0.28 -10.37
CA GLU C 34 21.92 0.61 -11.34
C GLU C 34 20.50 0.50 -10.78
N GLY C 35 20.34 0.16 -9.51
CA GLY C 35 19.01 0.08 -8.93
C GLY C 35 18.11 -1.01 -9.46
N ILE C 36 18.68 -2.05 -10.04
CA ILE C 36 17.90 -3.19 -10.54
C ILE C 36 17.89 -4.26 -9.45
N PRO C 37 16.71 -4.74 -9.04
CA PRO C 37 16.66 -5.74 -7.99
C PRO C 37 17.32 -7.04 -8.43
N PRO C 38 18.11 -7.66 -7.56
CA PRO C 38 18.74 -8.94 -7.91
C PRO C 38 17.77 -9.99 -8.42
N ASP C 39 16.57 -10.09 -7.84
CA ASP C 39 15.66 -11.09 -8.36
C ASP C 39 15.12 -10.75 -9.75
N GLN C 40 15.36 -9.52 -10.24
CA GLN C 40 15.04 -9.21 -11.63
C GLN C 40 16.20 -9.47 -12.59
N GLN C 41 17.36 -9.90 -12.10
CA GLN C 41 18.55 -10.01 -12.94
C GLN C 41 18.80 -11.47 -13.30
N ARG C 42 19.20 -11.71 -14.54
CA ARG C 42 19.74 -12.99 -14.96
C ARG C 42 21.09 -12.71 -15.60
N LEU C 43 22.11 -13.47 -15.21
CA LEU C 43 23.45 -13.28 -15.74
C LEU C 43 23.86 -14.51 -16.53
N ILE C 44 24.56 -14.29 -17.63
CA ILE C 44 24.93 -15.35 -18.56
C ILE C 44 26.42 -15.25 -18.87
N PHE C 45 27.09 -16.40 -18.86
CA PHE C 45 28.48 -16.45 -19.30
C PHE C 45 28.76 -17.86 -19.81
N ALA C 46 29.39 -17.96 -20.97
CA ALA C 46 29.80 -19.24 -21.55
C ALA C 46 28.61 -20.19 -21.68
N GLY C 47 27.53 -19.67 -22.26
CA GLY C 47 26.39 -20.50 -22.64
C GLY C 47 25.55 -21.03 -21.51
N LYS C 48 25.65 -20.45 -20.31
CA LYS C 48 24.89 -20.94 -19.17
C LYS C 48 24.44 -19.76 -18.33
N GLN C 49 23.30 -19.93 -17.64
CA GLN C 49 22.91 -18.98 -16.61
C GLN C 49 23.69 -19.23 -15.34
N LEU C 50 24.11 -18.16 -14.70
CA LEU C 50 24.99 -18.25 -13.54
C LEU C 50 24.13 -18.31 -12.28
N GLU C 51 24.40 -19.31 -11.42
CA GLU C 51 23.63 -19.55 -10.22
C GLU C 51 24.18 -18.74 -9.05
N ASP C 52 23.28 -18.30 -8.16
CA ASP C 52 23.63 -17.32 -7.14
C ASP C 52 24.71 -17.81 -6.19
N GLY C 53 24.69 -19.10 -5.85
CA GLY C 53 25.60 -19.66 -4.87
C GLY C 53 26.98 -20.00 -5.37
N ARG C 54 27.21 -19.95 -6.68
CA ARG C 54 28.52 -20.24 -7.24
C ARG C 54 29.33 -18.95 -7.34
N THR C 55 30.64 -19.09 -7.47
CA THR C 55 31.53 -17.94 -7.51
C THR C 55 31.93 -17.65 -8.95
N LEU C 56 32.52 -16.47 -9.18
CA LEU C 56 33.03 -16.14 -10.51
C LEU C 56 34.09 -17.14 -10.96
N SER C 57 34.96 -17.56 -10.04
CA SER C 57 35.96 -18.54 -10.39
C SER C 57 35.33 -19.88 -10.77
N ASP C 58 34.20 -20.23 -10.16
CA ASP C 58 33.49 -21.45 -10.54
C ASP C 58 33.13 -21.47 -12.02
N TYR C 59 32.90 -20.31 -12.62
CA TYR C 59 32.55 -20.24 -14.04
C TYR C 59 33.72 -19.80 -14.93
N ASN C 60 34.92 -19.65 -14.36
CA ASN C 60 36.11 -19.27 -15.12
C ASN C 60 35.99 -17.87 -15.70
N ILE C 61 35.36 -16.99 -14.93
CA ILE C 61 35.26 -15.58 -15.27
C ILE C 61 36.51 -14.89 -14.74
N GLN C 62 37.22 -14.21 -15.62
CA GLN C 62 38.53 -13.64 -15.32
C GLN C 62 38.52 -12.14 -15.65
N ARG C 63 39.71 -11.53 -15.56
CA ARG C 63 39.85 -10.12 -15.87
C ARG C 63 39.29 -9.79 -17.24
N GLU C 64 38.46 -8.74 -17.28
CA GLU C 64 37.84 -8.21 -18.50
C GLU C 64 36.94 -9.24 -19.19
N SER C 65 36.48 -10.27 -18.48
CA SER C 65 35.42 -11.10 -19.03
C SER C 65 34.13 -10.28 -19.15
N THR C 66 33.27 -10.67 -20.08
CA THR C 66 32.00 -9.98 -20.31
C THR C 66 30.85 -10.92 -20.01
N LEU C 67 30.02 -10.53 -19.06
CA LEU C 67 28.79 -11.22 -18.70
C LEU C 67 27.65 -10.55 -19.48
N HIS C 68 26.62 -11.32 -19.82
CA HIS C 68 25.39 -10.75 -20.35
C HIS C 68 24.31 -10.68 -19.27
N LEU C 69 23.64 -9.54 -19.19
CA LEU C 69 22.57 -9.29 -18.22
C LEU C 69 21.23 -9.27 -18.94
N VAL C 70 20.31 -10.12 -18.49
CA VAL C 70 18.94 -10.16 -18.98
C VAL C 70 18.03 -9.71 -17.84
N LEU C 71 17.14 -8.75 -18.12
CA LEU C 71 16.30 -8.19 -17.07
C LEU C 71 14.91 -8.82 -17.11
N ARG C 72 14.42 -9.21 -15.94
CA ARG C 72 13.03 -9.60 -15.79
C ARG C 72 12.23 -8.36 -15.43
N LEU C 73 11.23 -8.08 -16.24
CA LEU C 73 10.51 -6.82 -16.22
C LEU C 73 9.08 -7.13 -15.81
N ARG C 74 8.66 -6.45 -14.75
CA ARG C 74 7.55 -6.82 -13.86
C ARG C 74 6.68 -5.63 -13.52
N GLY C 75 5.58 -5.53 -14.24
CA GLY C 75 4.37 -5.01 -13.65
C GLY C 75 3.51 -6.22 -13.36
N GLY C 76 3.07 -6.37 -12.12
CA GLY C 76 2.34 -7.56 -11.76
C GLY C 76 2.01 -7.51 -10.29
N GLY D 3 -25.89 -6.56 29.87
CA GLY D 3 -26.34 -5.51 28.98
C GLY D 3 -27.84 -5.34 28.93
N HIS D 4 -28.35 -4.27 29.54
CA HIS D 4 -29.77 -4.04 29.69
C HIS D 4 -30.33 -3.21 28.54
N MET D 5 -29.64 -2.13 28.16
CA MET D 5 -29.98 -1.34 26.98
C MET D 5 -29.23 -1.86 25.76
N LEU D 6 -29.95 -2.42 24.81
CA LEU D 6 -29.37 -3.09 23.65
C LEU D 6 -29.28 -2.11 22.48
N SER D 7 -28.16 -2.13 21.78
CA SER D 7 -27.92 -1.22 20.68
C SER D 7 -28.55 -1.75 19.40
N LYS D 8 -29.07 -0.84 18.59
CA LYS D 8 -29.49 -1.20 17.24
C LYS D 8 -28.30 -1.79 16.49
N PRO D 9 -28.44 -2.95 15.85
CA PRO D 9 -27.39 -3.42 14.95
C PRO D 9 -26.98 -2.34 13.96
N GLY D 10 -25.67 -2.16 13.80
CA GLY D 10 -25.08 -1.11 13.01
C GLY D 10 -24.57 0.05 13.83
N GLU D 11 -25.12 0.25 15.03
CA GLU D 11 -24.73 1.38 15.84
C GLU D 11 -23.26 1.28 16.28
N LEU D 12 -22.80 0.07 16.62
CA LEU D 12 -21.39 -0.07 17.00
C LEU D 12 -20.48 0.07 15.78
N ARG D 13 -20.88 -0.46 14.64
CA ARG D 13 -20.10 -0.28 13.42
C ARG D 13 -19.81 1.19 13.15
N ARG D 14 -20.86 2.02 13.21
CA ARG D 14 -20.70 3.44 12.89
C ARG D 14 -19.85 4.16 13.93
N GLU D 15 -20.01 3.79 15.21
CA GLU D 15 -19.19 4.39 16.25
C GLU D 15 -17.73 4.03 16.05
N TYR D 16 -17.47 2.75 15.77
CA TYR D 16 -16.12 2.28 15.52
C TYR D 16 -15.51 2.94 14.30
N GLU D 17 -16.29 3.09 13.23
CA GLU D 17 -15.77 3.72 12.02
C GLU D 17 -15.49 5.20 12.23
N GLU D 18 -16.36 5.90 12.97
CA GLU D 18 -16.07 7.29 13.30
C GLU D 18 -14.75 7.42 14.07
N GLU D 19 -14.51 6.50 15.01
CA GLU D 19 -13.28 6.57 15.79
C GLU D 19 -12.05 6.21 14.95
N ILE D 20 -12.16 5.21 14.08
CA ILE D 20 -11.07 4.92 13.15
C ILE D 20 -10.73 6.14 12.29
N SER D 21 -11.77 6.81 11.79
CA SER D 21 -11.55 8.03 10.98
C SER D 21 -10.89 9.13 11.78
N LYS D 22 -11.26 9.26 13.05
CA LYS D 22 -10.67 10.27 13.92
C LYS D 22 -9.18 10.01 14.15
N VAL D 23 -8.82 8.77 14.44
CA VAL D 23 -7.40 8.44 14.61
C VAL D 23 -6.65 8.64 13.30
N ALA D 24 -7.27 8.28 12.18
CA ALA D 24 -6.62 8.49 10.89
C ALA D 24 -6.35 9.97 10.66
N ALA D 25 -7.30 10.83 11.00
CA ALA D 25 -7.12 12.26 10.81
C ALA D 25 -6.08 12.81 11.78
N GLU D 26 -6.09 12.34 13.03
CA GLU D 26 -5.04 12.72 13.96
C GLU D 26 -3.67 12.33 13.42
N ARG D 27 -3.57 11.16 12.81
CA ARG D 27 -2.28 10.68 12.34
C ARG D 27 -1.80 11.50 11.16
N ARG D 28 -2.72 11.93 10.30
CA ARG D 28 -2.34 12.78 9.18
C ARG D 28 -1.98 14.18 9.64
N ALA D 29 -2.57 14.64 10.75
CA ALA D 29 -2.16 15.91 11.34
C ALA D 29 -0.73 15.83 11.84
N SER D 30 -0.38 14.75 12.53
CA SER D 30 0.96 14.60 13.08
C SER D 30 2.00 14.48 11.96
N GLU D 31 1.66 13.78 10.88
CA GLU D 31 2.60 13.60 9.78
C GLU D 31 2.92 14.94 9.11
N GLU D 32 1.91 15.79 8.92
CA GLU D 32 2.16 17.08 8.29
C GLU D 32 2.95 18.01 9.19
N GLU D 33 2.76 17.90 10.51
CA GLU D 33 3.58 18.68 11.43
C GLU D 33 5.02 18.16 11.44
N GLU D 34 5.19 16.84 11.36
CA GLU D 34 6.51 16.24 11.27
C GLU D 34 7.21 16.64 9.96
N ASN D 35 6.46 16.71 8.86
CA ASN D 35 7.08 16.96 7.57
C ASN D 35 7.36 18.44 7.35
N LYS D 36 6.63 19.32 8.03
CA LYS D 36 6.99 20.73 7.98
C LYS D 36 8.21 21.01 8.84
N ALA D 37 8.35 20.28 9.96
CA ALA D 37 9.57 20.33 10.75
C ALA D 37 10.78 19.97 9.91
N SER D 38 10.66 18.94 9.06
CA SER D 38 11.81 18.49 8.27
C SER D 38 12.12 19.45 7.13
N GLU D 39 11.10 19.97 6.45
CA GLU D 39 11.34 20.87 5.33
C GLU D 39 11.95 22.19 5.80
N GLU D 40 11.55 22.68 6.97
CA GLU D 40 12.16 23.89 7.54
C GLU D 40 13.62 23.62 7.90
N TYR D 41 13.89 22.50 8.56
CA TYR D 41 15.25 22.17 8.94
C TYR D 41 16.16 22.08 7.72
N ILE D 42 15.67 21.44 6.65
CA ILE D 42 16.48 21.31 5.44
C ILE D 42 16.73 22.66 4.80
N GLN D 43 15.72 23.55 4.79
CA GLN D 43 15.95 24.90 4.29
C GLN D 43 17.00 25.63 5.10
N ARG D 44 16.90 25.56 6.44
CA ARG D 44 17.91 26.20 7.27
CA ARG D 44 17.91 26.18 7.28
C ARG D 44 19.29 25.61 7.01
N LEU D 45 19.38 24.30 6.80
CA LEU D 45 20.67 23.67 6.58
C LEU D 45 21.27 24.09 5.25
N LEU D 46 20.45 24.15 4.20
CA LEU D 46 20.94 24.61 2.90
C LEU D 46 21.30 26.09 2.94
N ALA D 47 20.48 26.90 3.62
CA ALA D 47 20.78 28.33 3.73
C ALA D 47 22.10 28.57 4.44
N GLU D 48 22.38 27.80 5.49
CA GLU D 48 23.62 27.96 6.24
C GLU D 48 24.83 27.59 5.38
N GLU D 49 24.71 26.49 4.62
CA GLU D 49 25.82 26.08 3.77
C GLU D 49 26.09 27.10 2.69
N GLU D 50 25.05 27.77 2.20
CA GLU D 50 25.21 28.77 1.16
C GLU D 50 25.86 30.04 1.69
N GLU D 51 25.49 30.46 2.90
CA GLU D 51 26.12 31.65 3.49
C GLU D 51 27.54 31.34 3.93
N GLU D 52 27.77 30.14 4.47
CA GLU D 52 29.14 29.68 4.70
C GLU D 52 30.00 29.84 3.45
N GLU D 53 29.48 29.39 2.30
CA GLU D 53 30.23 29.50 1.06
C GLU D 53 30.42 30.95 0.65
N LYS D 54 29.41 31.80 0.84
CA LYS D 54 29.58 33.21 0.54
C LYS D 54 30.71 33.82 1.35
N ARG D 55 30.80 33.48 2.64
CA ARG D 55 31.89 33.99 3.45
C ARG D 55 33.23 33.43 2.97
N GLN D 56 33.23 32.19 2.51
CA GLN D 56 34.48 31.57 2.10
C GLN D 56 34.96 32.20 0.79
N ALA D 57 34.01 32.58 -0.08
CA ALA D 57 34.34 33.26 -1.32
C ALA D 57 34.81 34.69 -1.08
N GLU D 58 34.22 35.37 -0.09
CA GLU D 58 34.70 36.70 0.27
C GLU D 58 36.12 36.65 0.83
N LYS D 59 36.45 35.57 1.55
CA LYS D 59 37.81 35.39 2.04
C LYS D 59 38.79 35.22 0.88
N ARG D 60 38.38 34.46 -0.15
CA ARG D 60 39.22 34.33 -1.33
C ARG D 60 39.32 35.64 -2.09
N ARG D 61 38.23 36.42 -2.11
CA ARG D 61 38.26 37.69 -2.81
C ARG D 61 39.24 38.65 -2.16
N ARG D 62 39.25 38.73 -0.83
CA ARG D 62 40.20 39.60 -0.15
C ARG D 62 41.63 39.21 -0.46
N ALA D 63 41.90 37.90 -0.54
CA ALA D 63 43.27 37.45 -0.78
C ALA D 63 43.72 37.70 -2.21
N MET D 64 42.81 37.63 -3.19
CA MET D 64 43.24 37.96 -4.55
C MET D 64 43.41 39.46 -4.73
N GLU D 65 42.62 40.26 -4.02
CA GLU D 65 42.83 41.70 -4.07
C GLU D 65 44.19 42.08 -3.50
N GLU D 66 44.61 41.44 -2.42
CA GLU D 66 45.97 41.64 -1.92
C GLU D 66 46.99 41.16 -2.93
N GLN D 67 46.75 40.02 -3.56
CA GLN D 67 47.68 39.50 -4.57
C GLN D 67 47.78 40.44 -5.77
N LEU D 68 46.65 40.99 -6.22
CA LEU D 68 46.70 41.98 -7.31
C LEU D 68 47.52 43.20 -6.90
N LYS D 69 47.36 43.66 -5.67
CA LYS D 69 48.06 44.87 -5.26
C LYS D 69 49.56 44.65 -5.23
N SER D 70 50.01 43.50 -4.71
CA SER D 70 51.44 43.26 -4.64
C SER D 70 52.01 42.89 -6.01
N ASP D 71 51.21 42.29 -6.89
CA ASP D 71 51.69 42.04 -8.24
C ASP D 71 51.92 43.34 -8.99
N GLU D 72 51.02 44.32 -8.82
CA GLU D 72 51.22 45.61 -9.46
C GLU D 72 52.49 46.29 -8.98
N GLU D 73 52.75 46.23 -7.67
CA GLU D 73 54.00 46.77 -7.15
C GLU D 73 55.21 46.11 -7.80
N LEU D 74 55.21 44.78 -7.91
CA LEU D 74 56.33 44.09 -8.54
C LEU D 74 56.46 44.50 -10.00
N ALA D 75 55.33 44.69 -10.68
CA ALA D 75 55.33 45.08 -12.08
C ALA D 75 55.93 46.45 -12.30
N ARG D 76 55.66 47.39 -11.38
CA ARG D 76 56.25 48.72 -11.51
C ARG D 76 57.77 48.68 -11.33
N LYS D 77 58.25 47.93 -10.34
CA LYS D 77 59.68 47.75 -10.17
C LYS D 77 60.32 47.17 -11.43
N LEU D 78 59.69 46.14 -12.00
CA LEU D 78 60.25 45.52 -13.20
C LEU D 78 60.22 46.47 -14.39
N SER D 79 59.14 47.24 -14.53
CA SER D 79 59.00 48.13 -15.68
C SER D 79 60.06 49.22 -15.66
N ILE D 80 60.41 49.72 -14.47
CA ILE D 80 61.52 50.67 -14.35
C ILE D 80 62.83 50.00 -14.75
N ASP D 81 63.08 48.81 -14.20
CA ASP D 81 64.37 48.15 -14.38
C ASP D 81 64.66 47.87 -15.86
N ILE D 82 63.71 47.22 -16.55
CA ILE D 82 63.99 46.69 -17.88
C ILE D 82 63.90 47.71 -19.00
N ASN D 83 63.30 48.88 -18.76
CA ASN D 83 63.29 49.91 -19.79
C ASN D 83 64.52 50.80 -19.74
N ASN D 84 64.97 51.20 -18.55
CA ASN D 84 66.18 52.01 -18.41
C ASN D 84 67.07 51.45 -17.30
N MET E 1 6.41 -3.21 7.54
CA MET E 1 6.05 -1.82 7.74
C MET E 1 6.53 -0.96 6.57
N GLN E 2 5.68 -0.02 6.16
CA GLN E 2 5.92 0.83 5.00
C GLN E 2 6.24 2.25 5.45
N ILE E 3 7.37 2.79 4.97
CA ILE E 3 7.72 4.19 5.19
C ILE E 3 8.10 4.81 3.85
N PHE E 4 8.21 6.14 3.84
CA PHE E 4 8.47 6.90 2.64
C PHE E 4 9.75 7.70 2.80
N VAL E 5 10.47 7.87 1.69
CA VAL E 5 11.68 8.70 1.65
C VAL E 5 11.50 9.77 0.59
N LYS E 6 11.67 11.02 0.98
CA LYS E 6 11.45 12.18 0.14
C LYS E 6 12.79 12.72 -0.32
N THR E 7 12.99 12.81 -1.63
CA THR E 7 14.25 13.33 -2.18
C THR E 7 14.11 14.82 -2.49
N LEU E 8 15.27 15.46 -2.69
CA LEU E 8 15.30 16.90 -2.97
C LEU E 8 14.55 17.27 -4.24
N THR E 9 14.38 16.33 -5.16
CA THR E 9 13.69 16.57 -6.42
C THR E 9 12.18 16.36 -6.30
N GLY E 10 11.63 16.41 -5.08
CA GLY E 10 10.22 16.14 -4.85
C GLY E 10 9.83 14.68 -4.90
N LYS E 11 10.69 13.82 -5.46
CA LYS E 11 10.37 12.41 -5.60
C LYS E 11 10.18 11.75 -4.24
N THR E 12 9.23 10.83 -4.18
CA THR E 12 8.98 10.01 -3.00
C THR E 12 9.23 8.55 -3.37
N ILE E 13 9.89 7.82 -2.49
CA ILE E 13 10.02 6.38 -2.67
C ILE E 13 9.53 5.68 -1.42
N THR E 14 9.11 4.44 -1.60
CA THR E 14 8.63 3.60 -0.53
C THR E 14 9.72 2.60 -0.15
N LEU E 15 9.89 2.37 1.15
CA LEU E 15 10.75 1.32 1.65
C LEU E 15 9.91 0.36 2.46
N GLU E 16 10.32 -0.90 2.49
CA GLU E 16 9.76 -1.89 3.40
C GLU E 16 10.79 -2.15 4.48
N VAL E 17 10.43 -1.83 5.72
CA VAL E 17 11.34 -1.87 6.85
C VAL E 17 10.62 -2.46 8.05
N GLU E 18 11.39 -2.82 9.06
CA GLU E 18 10.86 -3.22 10.36
C GLU E 18 11.33 -2.23 11.43
N PRO E 19 10.50 -1.98 12.45
CA PRO E 19 10.90 -1.02 13.50
C PRO E 19 12.28 -1.25 14.08
N SER E 20 12.76 -2.48 14.10
CA SER E 20 14.09 -2.77 14.63
C SER E 20 15.22 -2.44 13.67
N ASP E 21 14.92 -2.03 12.44
CA ASP E 21 15.97 -1.67 11.49
C ASP E 21 16.72 -0.45 11.96
N THR E 22 18.04 -0.48 11.81
CA THR E 22 18.86 0.67 12.12
C THR E 22 18.76 1.70 11.00
N ILE E 23 19.15 2.94 11.32
CA ILE E 23 19.27 3.95 10.26
C ILE E 23 20.27 3.49 9.21
N GLU E 24 21.27 2.70 9.62
CA GLU E 24 22.23 2.16 8.67
C GLU E 24 21.55 1.23 7.67
N ASN E 25 20.67 0.35 8.15
CA ASN E 25 19.94 -0.52 7.25
C ASN E 25 19.12 0.30 6.25
N VAL E 26 18.47 1.36 6.73
CA VAL E 26 17.63 2.17 5.86
C VAL E 26 18.45 2.84 4.77
N LYS E 27 19.63 3.35 5.12
CA LYS E 27 20.49 3.93 4.09
C LYS E 27 20.93 2.87 3.07
N ALA E 28 21.03 1.61 3.49
CA ALA E 28 21.33 0.54 2.55
C ALA E 28 20.15 0.29 1.62
N LYS E 29 18.92 0.41 2.14
CA LYS E 29 17.75 0.20 1.29
C LYS E 29 17.59 1.36 0.31
N ILE E 30 17.90 2.58 0.74
CA ILE E 30 17.86 3.73 -0.16
C ILE E 30 18.90 3.57 -1.27
N GLN E 31 20.10 3.12 -0.91
CA GLN E 31 21.12 2.84 -1.93
C GLN E 31 20.59 1.88 -2.97
N ASP E 32 19.92 0.81 -2.52
CA ASP E 32 19.38 -0.19 -3.43
C ASP E 32 18.37 0.41 -4.40
N LYS E 33 17.60 1.40 -3.97
CA LYS E 33 16.64 2.01 -4.88
C LYS E 33 17.23 3.16 -5.68
N GLU E 34 18.20 3.88 -5.14
CA GLU E 34 18.56 5.17 -5.72
C GLU E 34 20.02 5.24 -6.16
N GLY E 35 20.85 4.27 -5.78
CA GLY E 35 22.24 4.27 -6.15
C GLY E 35 23.14 5.22 -5.38
N ILE E 36 22.62 5.83 -4.33
CA ILE E 36 23.38 6.82 -3.54
C ILE E 36 24.06 6.10 -2.42
N PRO E 37 25.40 6.19 -2.29
CA PRO E 37 26.11 5.47 -1.22
C PRO E 37 25.67 5.96 0.13
N PRO E 38 25.57 5.07 1.12
CA PRO E 38 25.09 5.50 2.46
C PRO E 38 25.89 6.64 3.06
N ASP E 39 27.20 6.68 2.82
CA ASP E 39 28.03 7.72 3.40
C ASP E 39 27.66 9.11 2.87
N GLN E 40 26.95 9.19 1.75
CA GLN E 40 26.57 10.47 1.18
C GLN E 40 25.13 10.85 1.49
N GLN E 41 24.46 10.14 2.39
CA GLN E 41 23.06 10.38 2.71
C GLN E 41 22.96 10.98 4.10
N ARG E 42 22.21 12.06 4.23
CA ARG E 42 21.70 12.52 5.50
C ARG E 42 20.18 12.35 5.48
N LEU E 43 19.64 11.75 6.55
CA LEU E 43 18.22 11.46 6.65
C LEU E 43 17.60 12.32 7.75
N ILE E 44 16.49 12.98 7.43
CA ILE E 44 15.81 13.90 8.33
C ILE E 44 14.41 13.36 8.62
N PHE E 45 14.06 13.28 9.91
CA PHE E 45 12.69 12.98 10.31
C PHE E 45 12.26 13.90 11.44
N ALA E 46 11.04 14.41 11.35
CA ALA E 46 10.47 15.31 12.35
C ALA E 46 11.45 16.44 12.67
N GLY E 47 12.04 17.01 11.62
CA GLY E 47 13.00 18.08 11.77
C GLY E 47 14.31 17.71 12.43
N LYS E 48 14.56 16.42 12.62
CA LYS E 48 15.77 15.96 13.29
C LYS E 48 16.59 15.09 12.34
N GLN E 49 17.90 15.29 12.38
CA GLN E 49 18.80 14.49 11.57
C GLN E 49 19.05 13.14 12.26
N LEU E 50 18.83 12.06 11.52
CA LEU E 50 18.87 10.73 12.10
C LEU E 50 20.31 10.25 12.22
N GLU E 51 20.57 9.49 13.29
CA GLU E 51 21.93 9.07 13.65
C GLU E 51 22.07 7.57 13.43
N ASP E 52 23.20 7.17 12.85
CA ASP E 52 23.46 5.76 12.63
C ASP E 52 23.50 4.99 13.96
N GLY E 53 23.17 3.71 13.89
CA GLY E 53 23.17 2.85 15.05
C GLY E 53 21.86 2.81 15.81
N ARG E 54 20.97 3.75 15.57
CA ARG E 54 19.70 3.84 16.29
C ARG E 54 18.56 3.33 15.41
N THR E 55 17.65 2.59 16.03
CA THR E 55 16.60 1.95 15.27
C THR E 55 15.51 2.95 14.91
N LEU E 56 14.62 2.53 13.99
CA LEU E 56 13.51 3.39 13.62
C LEU E 56 12.55 3.59 14.78
N SER E 57 12.49 2.62 15.70
CA SER E 57 11.66 2.79 16.90
C SER E 57 12.31 3.75 17.89
N ASP E 58 13.64 3.86 17.89
CA ASP E 58 14.29 4.85 18.75
C ASP E 58 13.79 6.26 18.45
N TYR E 59 13.51 6.55 17.17
CA TYR E 59 13.02 7.85 16.75
C TYR E 59 11.50 7.88 16.58
N ASN E 60 10.79 6.84 17.02
CA ASN E 60 9.34 6.79 16.94
C ASN E 60 8.87 6.94 15.48
N ILE E 61 9.56 6.28 14.57
CA ILE E 61 9.19 6.26 13.16
C ILE E 61 8.27 5.07 12.92
N GLN E 62 7.15 5.31 12.25
CA GLN E 62 6.08 4.33 12.16
C GLN E 62 5.63 4.17 10.72
N LYS E 63 4.55 3.40 10.54
CA LYS E 63 3.93 3.24 9.24
C LYS E 63 3.62 4.59 8.62
N GLU E 64 3.93 4.73 7.33
CA GLU E 64 3.73 5.94 6.54
C GLU E 64 4.49 7.16 7.06
N SER E 65 5.44 6.97 7.97
CA SER E 65 6.37 8.05 8.26
C SER E 65 7.15 8.42 7.00
N THR E 66 7.55 9.69 6.91
CA THR E 66 8.27 10.20 5.76
C THR E 66 9.64 10.71 6.20
N LEU E 67 10.70 10.13 5.65
CA LEU E 67 12.05 10.60 5.89
C LEU E 67 12.47 11.50 4.73
N HIS E 68 13.27 12.51 5.04
CA HIS E 68 13.73 13.46 4.04
C HIS E 68 15.22 13.26 3.80
N LEU E 69 15.59 13.12 2.53
CA LEU E 69 16.96 12.83 2.14
C LEU E 69 17.64 14.10 1.64
N VAL E 70 18.85 14.36 2.13
CA VAL E 70 19.68 15.44 1.65
C VAL E 70 21.11 14.91 1.49
N LEU E 71 21.80 15.36 0.44
CA LEU E 71 23.10 14.80 0.11
C LEU E 71 24.23 15.58 0.77
N ARG E 72 25.28 14.85 1.16
CA ARG E 72 26.52 15.42 1.65
C ARG E 72 27.70 14.76 0.96
N LEU E 73 28.91 14.97 1.49
CA LEU E 73 30.12 14.30 1.02
C LEU E 73 30.23 14.16 -0.49
N MET F 1 -28.35 -20.08 22.35
CA MET F 1 -27.92 -19.28 23.49
C MET F 1 -27.58 -17.86 23.04
N GLN F 2 -28.13 -16.85 23.70
CA GLN F 2 -27.70 -15.49 23.38
C GLN F 2 -26.86 -14.93 24.52
N ILE F 3 -25.80 -14.22 24.15
CA ILE F 3 -24.92 -13.54 25.09
C ILE F 3 -24.90 -12.06 24.70
N PHE F 4 -24.37 -11.25 25.60
CA PHE F 4 -24.23 -9.83 25.36
C PHE F 4 -22.76 -9.44 25.31
N VAL F 5 -22.44 -8.45 24.49
CA VAL F 5 -21.09 -7.91 24.43
C VAL F 5 -21.20 -6.40 24.60
N LYS F 6 -20.45 -5.86 25.56
CA LYS F 6 -20.57 -4.45 25.93
C LYS F 6 -19.23 -3.75 25.74
N THR F 7 -19.27 -2.54 25.19
CA THR F 7 -18.06 -1.74 25.01
C THR F 7 -17.93 -0.70 26.13
N LEU F 8 -16.74 -0.11 26.21
CA LEU F 8 -16.48 0.94 27.21
C LEU F 8 -17.24 2.22 26.91
N THR F 9 -17.76 2.38 25.68
CA THR F 9 -18.66 3.48 25.35
C THR F 9 -20.11 3.18 25.72
N GLY F 10 -20.41 1.99 26.25
CA GLY F 10 -21.75 1.66 26.69
C GLY F 10 -22.64 0.98 25.68
N LYS F 11 -22.16 0.76 24.45
CA LYS F 11 -22.92 -0.03 23.50
C LYS F 11 -22.99 -1.48 23.98
N THR F 12 -24.13 -2.13 23.73
CA THR F 12 -24.28 -3.54 24.01
C THR F 12 -24.91 -4.19 22.78
N ILE F 13 -24.26 -5.24 22.28
CA ILE F 13 -24.82 -6.02 21.20
C ILE F 13 -25.15 -7.40 21.75
N THR F 14 -25.99 -8.11 21.01
CA THR F 14 -26.36 -9.47 21.36
C THR F 14 -25.93 -10.42 20.25
N LEU F 15 -25.44 -11.59 20.65
CA LEU F 15 -24.94 -12.60 19.72
C LEU F 15 -25.67 -13.90 20.03
N GLU F 16 -25.99 -14.67 19.00
CA GLU F 16 -26.49 -16.02 19.16
C GLU F 16 -25.30 -16.95 18.98
N VAL F 17 -25.01 -17.76 20.00
CA VAL F 17 -23.81 -18.57 20.04
C VAL F 17 -24.18 -19.93 20.62
N GLU F 18 -23.22 -20.84 20.63
CA GLU F 18 -23.35 -22.08 21.37
C GLU F 18 -22.21 -22.21 22.39
N PRO F 19 -22.43 -22.93 23.48
CA PRO F 19 -21.37 -23.10 24.49
C PRO F 19 -20.05 -23.61 23.95
N SER F 20 -20.06 -24.40 22.88
CA SER F 20 -18.83 -24.96 22.34
C SER F 20 -18.13 -24.04 21.32
N ASP F 21 -18.69 -22.85 21.07
CA ASP F 21 -18.04 -21.88 20.20
C ASP F 21 -16.73 -21.40 20.78
N THR F 22 -15.68 -21.34 19.95
CA THR F 22 -14.42 -20.78 20.42
C THR F 22 -14.49 -19.25 20.51
N ILE F 23 -13.57 -18.69 21.29
CA ILE F 23 -13.45 -17.23 21.34
C ILE F 23 -13.08 -16.68 19.96
N GLU F 24 -12.23 -17.40 19.23
CA GLU F 24 -11.94 -17.06 17.84
C GLU F 24 -13.21 -16.92 17.02
N ASN F 25 -14.13 -17.88 17.15
CA ASN F 25 -15.40 -17.86 16.43
C ASN F 25 -16.24 -16.65 16.85
N VAL F 26 -16.30 -16.38 18.14
CA VAL F 26 -17.05 -15.23 18.65
C VAL F 26 -16.51 -13.93 18.06
N LYS F 27 -15.18 -13.77 18.05
CA LYS F 27 -14.61 -12.54 17.48
C LYS F 27 -14.94 -12.42 15.99
N ALA F 28 -15.01 -13.56 15.30
CA ALA F 28 -15.37 -13.53 13.88
C ALA F 28 -16.82 -13.12 13.69
N LYS F 29 -17.69 -13.51 14.62
CA LYS F 29 -19.09 -13.09 14.56
C LYS F 29 -19.24 -11.61 14.85
N ILE F 30 -18.42 -11.06 15.76
CA ILE F 30 -18.42 -9.62 16.01
C ILE F 30 -17.97 -8.89 14.76
N GLN F 31 -16.98 -9.44 14.06
CA GLN F 31 -16.53 -8.86 12.80
C GLN F 31 -17.66 -8.82 11.77
N ASP F 32 -18.39 -9.94 11.62
CA ASP F 32 -19.51 -9.97 10.68
C ASP F 32 -20.58 -8.94 11.05
N LYS F 33 -20.91 -8.80 12.33
CA LYS F 33 -22.06 -8.01 12.68
C LYS F 33 -21.74 -6.52 12.74
N GLU F 34 -20.53 -6.16 13.15
CA GLU F 34 -20.19 -4.76 13.40
C GLU F 34 -18.87 -4.30 12.77
N GLY F 35 -18.15 -5.17 12.06
CA GLY F 35 -17.02 -4.75 11.23
C GLY F 35 -15.68 -4.56 11.92
N ILE F 36 -15.52 -5.00 13.16
CA ILE F 36 -14.28 -4.81 13.90
C ILE F 36 -13.40 -6.03 13.65
N PRO F 37 -12.18 -5.86 13.12
CA PRO F 37 -11.32 -7.03 12.84
C PRO F 37 -10.96 -7.75 14.13
N PRO F 38 -10.98 -9.08 14.14
CA PRO F 38 -10.61 -9.82 15.36
C PRO F 38 -9.28 -9.39 15.97
N ASP F 39 -8.28 -9.00 15.19
CA ASP F 39 -7.04 -8.67 15.91
C ASP F 39 -7.10 -7.31 16.61
N GLN F 40 -8.18 -6.54 16.44
CA GLN F 40 -8.37 -5.33 17.22
C GLN F 40 -9.28 -5.56 18.42
N GLN F 41 -9.76 -6.79 18.64
CA GLN F 41 -10.71 -7.05 19.71
C GLN F 41 -9.99 -7.75 20.86
N ARG F 42 -10.35 -7.39 22.09
CA ARG F 42 -10.00 -8.18 23.26
C ARG F 42 -11.30 -8.35 24.05
N LEU F 43 -11.60 -9.57 24.49
CA LEU F 43 -12.80 -9.85 25.27
C LEU F 43 -12.44 -10.21 26.70
N ILE F 44 -13.29 -9.77 27.62
CA ILE F 44 -13.09 -9.98 29.05
C ILE F 44 -14.36 -10.57 29.62
N PHE F 45 -14.22 -11.58 30.48
CA PHE F 45 -15.35 -12.05 31.26
C PHE F 45 -14.86 -12.62 32.59
N ALA F 46 -15.54 -12.27 33.68
CA ALA F 46 -15.23 -12.84 35.00
C ALA F 46 -13.77 -12.65 35.37
N GLY F 47 -13.27 -11.44 35.17
CA GLY F 47 -11.95 -11.07 35.64
C GLY F 47 -10.78 -11.49 34.80
N LYS F 48 -10.98 -11.91 33.55
CA LYS F 48 -9.82 -12.31 32.76
C LYS F 48 -10.09 -12.16 31.27
N GLN F 49 -9.00 -11.99 30.53
CA GLN F 49 -9.05 -11.97 29.07
C GLN F 49 -9.33 -13.35 28.51
N LEU F 50 -10.15 -13.40 27.48
CA LEU F 50 -10.59 -14.66 26.91
C LEU F 50 -9.66 -15.02 25.74
N GLU F 51 -9.12 -16.24 25.74
CA GLU F 51 -8.13 -16.65 24.76
C GLU F 51 -8.77 -17.40 23.59
N ASP F 52 -8.21 -17.20 22.38
CA ASP F 52 -8.91 -17.56 21.15
C ASP F 52 -9.28 -19.03 21.07
N GLY F 53 -8.43 -19.92 21.58
CA GLY F 53 -8.69 -21.34 21.43
C GLY F 53 -9.59 -21.96 22.47
N ARG F 54 -9.99 -21.20 23.48
CA ARG F 54 -10.90 -21.70 24.49
C ARG F 54 -12.34 -21.49 24.02
N THR F 55 -13.27 -22.23 24.62
CA THR F 55 -14.68 -22.12 24.30
C THR F 55 -15.38 -21.24 25.32
N LEU F 56 -16.58 -20.78 24.96
CA LEU F 56 -17.40 -20.06 25.93
C LEU F 56 -17.64 -20.89 27.18
N SER F 57 -17.89 -22.19 27.02
CA SER F 57 -18.13 -23.02 28.20
C SER F 57 -16.90 -23.12 29.08
N ASP F 58 -15.69 -23.07 28.49
CA ASP F 58 -14.45 -23.10 29.29
C ASP F 58 -14.40 -21.95 30.28
N TYR F 59 -15.08 -20.84 30.00
CA TYR F 59 -15.10 -19.70 30.90
C TYR F 59 -16.41 -19.59 31.66
N ASN F 60 -17.24 -20.63 31.62
CA ASN F 60 -18.54 -20.65 32.28
C ASN F 60 -19.37 -19.46 31.80
N ILE F 61 -19.31 -19.19 30.50
CA ILE F 61 -20.17 -18.20 29.87
C ILE F 61 -21.45 -18.91 29.47
N GLN F 62 -22.58 -18.41 29.97
CA GLN F 62 -23.86 -19.06 29.79
C GLN F 62 -24.86 -18.08 29.18
N ARG F 63 -26.10 -18.55 29.02
CA ARG F 63 -27.20 -17.69 28.58
C ARG F 63 -27.19 -16.35 29.30
N GLU F 64 -27.33 -15.29 28.51
CA GLU F 64 -27.40 -13.89 28.93
C GLU F 64 -26.18 -13.40 29.70
N SER F 65 -25.05 -14.11 29.66
CA SER F 65 -23.82 -13.52 30.19
C SER F 65 -23.43 -12.29 29.38
N THR F 66 -22.70 -11.37 30.02
CA THR F 66 -22.23 -10.15 29.37
C THR F 66 -20.71 -10.12 29.34
N LEU F 67 -20.13 -10.08 28.13
CA LEU F 67 -18.70 -9.94 27.94
C LEU F 67 -18.38 -8.46 27.71
N HIS F 68 -17.15 -8.05 28.06
CA HIS F 68 -16.66 -6.71 27.71
C HIS F 68 -15.68 -6.77 26.55
N LEU F 69 -15.89 -5.85 25.61
CA LEU F 69 -15.07 -5.73 24.41
C LEU F 69 -14.18 -4.50 24.55
N VAL F 70 -12.88 -4.71 24.45
CA VAL F 70 -11.88 -3.65 24.41
C VAL F 70 -11.30 -3.65 23.01
N LEU F 71 -10.98 -2.46 22.48
CA LEU F 71 -10.51 -2.35 21.10
C LEU F 71 -9.10 -1.80 21.06
N ARG F 72 -8.26 -2.40 20.22
CA ARG F 72 -6.93 -1.86 19.93
C ARG F 72 -7.07 -0.98 18.69
N LEU F 73 -7.40 0.30 18.93
CA LEU F 73 -7.56 1.27 17.86
C LEU F 73 -6.23 1.87 17.45
N ARG F 74 -5.50 2.42 18.42
CA ARG F 74 -4.19 3.00 18.19
C ARG F 74 -3.12 1.91 18.28
N GLY F 75 -1.88 2.29 17.99
CA GLY F 75 -0.75 1.39 17.99
C GLY F 75 -0.08 1.18 16.65
N GLY F 76 -0.65 1.71 15.57
CA GLY F 76 -0.08 1.56 14.25
C GLY F 76 -0.87 0.60 13.36
#